data_3URK
#
_entry.id   3URK
#
_cell.length_a   70.630
_cell.length_b   80.570
_cell.length_c   111.860
_cell.angle_alpha   90.00
_cell.angle_beta   90.00
_cell.angle_gamma   90.00
#
_symmetry.space_group_name_H-M   'P 21 21 21'
#
loop_
_entity.id
_entity.type
_entity.pdbx_description
1 polymer '4-hydroxy-3-methylbut-2-enyl diphosphate reductase'
2 non-polymer 'IRON/SULFUR CLUSTER'
3 non-polymer 'prop-2-yn-1-yl trihydrogen diphosphate'
4 water water
#
_entity_poly.entity_id   1
_entity_poly.type   'polypeptide(L)'
_entity_poly.pdbx_seq_one_letter_code
;HHHHHHGSMQILLANPRGFCAGVDRAISIVENALAIYGAPIYVRHEVVHNRYVVDSLRERGAIFIEQISEVPDGAILIFS
AHGVSQAVRNEAKSRDLTVFDATCPLVTKVHMEVARASRRGEESILIGHAGHPEVEGTMGQYSNPEGGMYLVESPDDVWK
LTVKNEEKLSFMTQTTLSVDDTSDVIDALRKRFPKIVGPRKDDICYATTNRQEAVRALAEQAEVVLVVGSKNSSNSNRLA
ELAQRMGKRAFLIDDAKDIQEEWVKEVKCVGVTAGASAPDILVQNVVARLQQLGGGEAIPLEGREENIVFEVPKELRVDI
REVD
;
_entity_poly.pdbx_strand_id   A,B
#
loop_
_chem_comp.id
_chem_comp.type
_chem_comp.name
_chem_comp.formula
0CG non-polymer 'prop-2-yn-1-yl trihydrogen diphosphate' 'C3 H6 O7 P2'
SF4 non-polymer 'IRON/SULFUR CLUSTER' 'Fe4 S4'
#
# COMPACT_ATOMS: atom_id res chain seq x y z
N MET A 9 27.80 -7.45 27.81
CA MET A 9 27.09 -8.04 26.63
C MET A 9 26.44 -6.95 25.85
N GLN A 10 26.60 -6.96 24.52
CA GLN A 10 25.97 -5.86 23.73
C GLN A 10 24.50 -6.33 23.38
N ILE A 11 23.50 -5.44 23.51
CA ILE A 11 22.15 -5.70 23.06
C ILE A 11 21.88 -4.86 21.81
N LEU A 12 21.53 -5.56 20.73
CA LEU A 12 21.13 -4.85 19.49
C LEU A 12 19.65 -5.04 19.21
N LEU A 13 19.01 -4.01 18.68
CA LEU A 13 17.59 -4.08 18.32
C LEU A 13 17.43 -4.00 16.82
N ALA A 14 16.69 -4.93 16.24
CA ALA A 14 16.43 -4.94 14.78
C ALA A 14 15.51 -3.77 14.43
N ASN A 15 15.63 -3.31 13.20
CA ASN A 15 14.80 -2.24 12.71
C ASN A 15 14.51 -2.41 11.24
N PRO A 16 13.23 -2.51 10.86
CA PRO A 16 12.01 -2.46 11.69
C PRO A 16 11.74 -3.71 12.51
N ARG A 17 10.91 -3.52 13.54
CA ARG A 17 10.42 -4.60 14.35
C ARG A 17 9.07 -4.22 14.88
N GLY A 18 8.33 -5.21 15.39
CA GLY A 18 7.10 -4.85 16.09
C GLY A 18 5.95 -4.48 15.13
N PHE A 19 5.01 -3.76 15.71
CA PHE A 19 3.69 -3.55 15.04
C PHE A 19 3.83 -3.09 13.62
N CYS A 20 3.06 -3.75 12.78
CA CYS A 20 2.74 -3.27 11.42
C CYS A 20 1.45 -2.41 11.36
N ALA A 21 1.14 -1.93 10.17
CA ALA A 21 0.00 -1.05 10.08
C ALA A 21 -1.30 -1.81 10.25
N GLY A 22 -1.36 -3.05 9.76
CA GLY A 22 -2.64 -3.76 9.86
C GLY A 22 -2.90 -4.15 11.31
N VAL A 23 -1.86 -4.50 12.09
CA VAL A 23 -2.07 -4.89 13.48
C VAL A 23 -2.50 -3.66 14.28
N ASP A 24 -1.85 -2.52 14.05
CA ASP A 24 -2.18 -1.32 14.85
C ASP A 24 -3.65 -0.94 14.58
N ARG A 25 -4.03 -1.03 13.30
CA ARG A 25 -5.45 -0.77 12.99
C ARG A 25 -6.41 -1.80 13.62
N ALA A 26 -6.08 -3.09 13.54
CA ALA A 26 -6.99 -4.12 14.04
C ALA A 26 -7.22 -3.94 15.55
N ILE A 27 -6.12 -3.71 16.27
CA ILE A 27 -6.25 -3.56 17.74
C ILE A 27 -7.03 -2.28 18.03
N SER A 28 -6.78 -1.21 17.28
CA SER A 28 -7.62 0.00 17.49
C SER A 28 -9.10 -0.23 17.24
N ILE A 29 -9.42 -1.08 16.25
CA ILE A 29 -10.82 -1.36 15.94
C ILE A 29 -11.45 -1.98 17.19
N VAL A 30 -10.81 -2.97 17.79
CA VAL A 30 -11.40 -3.63 18.96
C VAL A 30 -11.47 -2.66 20.12
N GLU A 31 -10.41 -1.89 20.37
CA GLU A 31 -10.37 -0.99 21.57
C GLU A 31 -11.51 0.01 21.38
N ASN A 32 -11.65 0.56 20.18
CA ASN A 32 -12.62 1.65 19.92
C ASN A 32 -14.00 1.08 20.03
N ALA A 33 -14.23 -0.16 19.56
CA ALA A 33 -15.54 -0.79 19.73
C ALA A 33 -15.89 -0.98 21.21
N LEU A 34 -14.91 -1.44 21.99
CA LEU A 34 -15.10 -1.54 23.42
C LEU A 34 -15.50 -0.18 24.01
N ALA A 35 -14.84 0.88 23.57
CA ALA A 35 -15.02 2.24 24.15
C ALA A 35 -16.39 2.78 23.80
N ILE A 36 -16.83 2.52 22.57
CA ILE A 36 -18.10 3.05 22.07
C ILE A 36 -19.30 2.22 22.56
N TYR A 37 -19.22 0.89 22.47
CA TYR A 37 -20.39 0.03 22.78
C TYR A 37 -20.36 -0.68 24.11
N GLY A 38 -19.21 -0.69 24.80
CA GLY A 38 -18.96 -1.43 26.04
C GLY A 38 -18.81 -2.90 25.81
N ALA A 39 -18.43 -3.61 26.87
CA ALA A 39 -18.39 -5.06 26.87
C ALA A 39 -19.82 -5.63 26.79
N PRO A 40 -19.95 -6.79 26.13
CA PRO A 40 -18.90 -7.50 25.42
C PRO A 40 -18.87 -7.10 23.95
N ILE A 41 -17.67 -7.20 23.39
CA ILE A 41 -17.45 -7.16 21.93
C ILE A 41 -16.91 -8.50 21.52
N TYR A 42 -17.54 -9.18 20.57
CA TYR A 42 -17.07 -10.49 20.20
C TYR A 42 -16.09 -10.31 19.06
N VAL A 43 -15.07 -11.18 19.08
CA VAL A 43 -14.05 -11.10 18.02
C VAL A 43 -13.87 -12.51 17.51
N ARG A 44 -14.00 -12.62 16.21
CA ARG A 44 -13.80 -13.92 15.61
C ARG A 44 -12.30 -14.18 15.38
N HIS A 45 -11.81 -15.10 16.17
CA HIS A 45 -10.40 -15.49 16.22
C HIS A 45 -9.64 -14.41 17.04
N GLU A 46 -8.48 -14.78 17.56
CA GLU A 46 -7.59 -13.77 18.17
C GLU A 46 -7.39 -12.60 17.19
N VAL A 47 -7.61 -11.34 17.64
CA VAL A 47 -7.61 -10.26 16.67
C VAL A 47 -6.26 -10.20 15.94
N VAL A 48 -5.17 -10.42 16.67
CA VAL A 48 -3.83 -10.65 16.09
C VAL A 48 -3.28 -11.79 16.94
N HIS A 49 -2.22 -12.43 16.46
CA HIS A 49 -1.69 -13.58 17.19
C HIS A 49 -0.65 -13.13 18.25
N ASN A 50 -1.14 -12.50 19.32
CA ASN A 50 -0.24 -12.12 20.42
C ASN A 50 -1.04 -12.27 21.73
N ARG A 51 -0.46 -13.13 22.57
CA ARG A 51 -1.07 -13.52 23.85
C ARG A 51 -1.30 -12.32 24.75
N TYR A 52 -0.35 -11.36 24.76
CA TYR A 52 -0.47 -10.25 25.66
C TYR A 52 -1.55 -9.29 25.16
N VAL A 53 -1.62 -9.05 23.84
CA VAL A 53 -2.70 -8.21 23.29
C VAL A 53 -4.04 -8.91 23.54
N VAL A 54 -4.16 -10.19 23.23
CA VAL A 54 -5.47 -10.90 23.35
C VAL A 54 -5.89 -11.03 24.81
N ASP A 55 -4.95 -11.35 25.72
CA ASP A 55 -5.34 -11.53 27.16
C ASP A 55 -5.81 -10.20 27.73
N SER A 56 -5.20 -9.12 27.28
CA SER A 56 -5.48 -7.79 27.69
C SER A 56 -6.88 -7.49 27.31
N LEU A 57 -7.17 -7.67 26.02
CA LEU A 57 -8.48 -7.33 25.48
C LEU A 57 -9.53 -8.15 26.12
N ARG A 58 -9.24 -9.43 26.37
CA ARG A 58 -10.16 -10.27 27.10
C ARG A 58 -10.52 -9.68 28.48
N GLU A 59 -9.50 -9.23 29.20
CA GLU A 59 -9.69 -8.56 30.51
C GLU A 59 -10.57 -7.33 30.36
N ARG A 60 -10.59 -6.70 29.18
CA ARG A 60 -11.39 -5.50 28.99
C ARG A 60 -12.77 -5.82 28.40
N GLY A 61 -13.06 -7.10 28.24
CA GLY A 61 -14.41 -7.53 27.74
C GLY A 61 -14.56 -8.03 26.31
N ALA A 62 -13.47 -8.29 25.59
CA ALA A 62 -13.66 -8.82 24.29
C ALA A 62 -13.80 -10.30 24.55
N ILE A 63 -14.63 -10.99 23.78
CA ILE A 63 -14.73 -12.41 23.83
C ILE A 63 -14.34 -12.96 22.47
N PHE A 64 -13.30 -13.77 22.47
CA PHE A 64 -12.69 -14.36 21.23
C PHE A 64 -13.32 -15.75 20.97
N ILE A 65 -13.84 -15.93 19.76
CA ILE A 65 -14.65 -17.13 19.44
C ILE A 65 -14.12 -17.67 18.11
N GLU A 66 -14.32 -18.96 17.81
CA GLU A 66 -13.84 -19.43 16.50
C GLU A 66 -14.96 -19.52 15.51
N GLN A 67 -16.17 -19.71 16.02
CA GLN A 67 -17.35 -19.92 15.15
C GLN A 67 -18.50 -18.94 15.49
N ILE A 68 -19.16 -18.48 14.44
CA ILE A 68 -20.24 -17.50 14.56
C ILE A 68 -21.41 -18.05 15.44
N SER A 69 -21.58 -19.37 15.42
CA SER A 69 -22.57 -19.98 16.30
C SER A 69 -22.31 -19.74 17.79
N GLU A 70 -21.12 -19.25 18.18
CA GLU A 70 -20.78 -18.88 19.58
C GLU A 70 -21.28 -17.47 19.93
N VAL A 71 -21.72 -16.71 18.96
CA VAL A 71 -22.07 -15.31 19.19
C VAL A 71 -23.60 -15.12 19.32
N PRO A 72 -24.06 -14.33 20.32
CA PRO A 72 -25.49 -14.12 20.57
C PRO A 72 -26.10 -13.20 19.52
N ASP A 73 -27.36 -13.43 19.16
CA ASP A 73 -28.10 -12.44 18.33
C ASP A 73 -27.94 -11.06 18.97
N GLY A 74 -27.78 -10.02 18.12
CA GLY A 74 -27.81 -8.62 18.62
C GLY A 74 -26.40 -8.11 18.91
N ALA A 75 -25.41 -9.01 18.84
CA ALA A 75 -24.05 -8.68 19.35
C ALA A 75 -23.28 -7.93 18.26
N ILE A 76 -22.19 -7.29 18.72
CA ILE A 76 -21.19 -6.73 17.80
C ILE A 76 -20.08 -7.75 17.65
N LEU A 77 -19.70 -7.97 16.38
CA LEU A 77 -18.73 -8.98 16.04
C LEU A 77 -17.66 -8.30 15.19
N ILE A 78 -16.38 -8.51 15.53
CA ILE A 78 -15.25 -7.99 14.74
C ILE A 78 -14.56 -9.19 14.09
N PHE A 79 -14.19 -9.10 12.78
CA PHE A 79 -13.42 -10.17 12.18
C PHE A 79 -11.95 -9.83 12.38
N SER A 80 -11.12 -10.83 12.67
CA SER A 80 -9.67 -10.58 13.00
C SER A 80 -8.85 -10.05 11.80
N ALA A 81 -7.64 -9.58 12.10
CA ALA A 81 -6.74 -9.05 11.03
C ALA A 81 -6.47 -10.02 9.89
N HIS A 82 -6.59 -11.32 10.19
CA HIS A 82 -6.21 -12.38 9.26
C HIS A 82 -7.24 -12.61 8.17
N GLY A 83 -8.44 -12.12 8.40
CA GLY A 83 -9.50 -12.17 7.38
C GLY A 83 -10.35 -13.43 7.57
N VAL A 84 -11.46 -13.49 6.81
CA VAL A 84 -12.43 -14.61 6.97
C VAL A 84 -12.94 -14.97 5.61
N SER A 85 -13.47 -16.20 5.54
CA SER A 85 -14.01 -16.74 4.28
C SER A 85 -15.32 -16.03 3.98
N GLN A 86 -15.79 -16.12 2.71
CA GLN A 86 -17.11 -15.65 2.38
C GLN A 86 -18.19 -16.43 3.18
N ALA A 87 -17.98 -17.71 3.45
CA ALA A 87 -18.93 -18.48 4.27
C ALA A 87 -19.12 -17.92 5.68
N VAL A 88 -18.05 -17.52 6.31
CA VAL A 88 -18.12 -16.93 7.61
C VAL A 88 -18.77 -15.56 7.50
N ARG A 89 -18.43 -14.75 6.49
CA ARG A 89 -19.00 -13.43 6.30
C ARG A 89 -20.51 -13.57 6.07
N ASN A 90 -20.90 -14.55 5.25
CA ASN A 90 -22.31 -14.71 4.96
C ASN A 90 -23.10 -15.20 6.16
N GLU A 91 -22.51 -16.05 6.97
CA GLU A 91 -23.09 -16.55 8.23
C GLU A 91 -23.32 -15.44 9.24
N ALA A 92 -22.37 -14.50 9.39
CA ALA A 92 -22.60 -13.29 10.17
C ALA A 92 -23.69 -12.41 9.58
N LYS A 93 -23.71 -12.24 8.29
CA LYS A 93 -24.70 -11.43 7.54
C LYS A 93 -26.12 -11.95 7.76
N SER A 94 -26.27 -13.28 7.68
CA SER A 94 -27.58 -13.94 7.82
C SER A 94 -28.06 -13.94 9.27
N ARG A 95 -27.10 -13.81 10.19
CA ARG A 95 -27.37 -13.62 11.64
C ARG A 95 -27.71 -12.12 11.99
N ASP A 96 -28.19 -11.88 13.19
CA ASP A 96 -28.62 -10.53 13.63
C ASP A 96 -27.41 -9.57 13.99
N LEU A 97 -26.19 -9.88 13.51
CA LEU A 97 -24.95 -9.28 14.05
C LEU A 97 -24.58 -7.90 13.46
N THR A 98 -24.06 -7.00 14.31
CA THR A 98 -23.43 -5.79 13.76
C THR A 98 -21.94 -6.14 13.58
N VAL A 99 -21.45 -6.09 12.36
CA VAL A 99 -20.09 -6.48 12.02
C VAL A 99 -19.15 -5.30 11.72
N PHE A 100 -17.95 -5.36 12.30
CA PHE A 100 -16.84 -4.48 11.85
C PHE A 100 -15.70 -5.42 11.42
N ASP A 101 -15.00 -5.06 10.38
CA ASP A 101 -14.06 -5.99 9.75
C ASP A 101 -12.64 -5.41 9.99
N ALA A 102 -11.88 -6.08 10.81
CA ALA A 102 -10.49 -5.65 11.07
C ALA A 102 -9.52 -6.33 10.11
N THR A 103 -9.99 -7.03 9.08
CA THR A 103 -9.05 -7.70 8.12
C THR A 103 -8.06 -6.64 7.61
N CYS A 104 -6.80 -6.99 7.56
CA CYS A 104 -5.88 -5.97 7.04
C CYS A 104 -6.13 -5.71 5.55
N PRO A 105 -6.02 -4.44 5.12
CA PRO A 105 -6.17 -4.15 3.66
C PRO A 105 -5.28 -4.99 2.74
N LEU A 106 -4.10 -5.37 3.23
CA LEU A 106 -3.14 -6.18 2.39
C LEU A 106 -3.53 -7.65 2.28
N VAL A 107 -4.39 -8.14 3.22
CA VAL A 107 -5.06 -9.46 3.06
C VAL A 107 -6.24 -9.30 2.12
N THR A 108 -7.05 -8.24 2.38
CA THR A 108 -8.23 -8.01 1.50
C THR A 108 -7.80 -7.94 0.02
N LYS A 109 -6.67 -7.30 -0.23
CA LYS A 109 -6.22 -7.24 -1.65
C LYS A 109 -6.08 -8.67 -2.27
N VAL A 110 -5.54 -9.63 -1.51
CA VAL A 110 -5.38 -10.99 -2.03
C VAL A 110 -6.81 -11.56 -2.22
N HIS A 111 -7.66 -11.35 -1.25
CA HIS A 111 -9.03 -11.89 -1.34
C HIS A 111 -9.70 -11.43 -2.67
N MET A 112 -9.56 -10.15 -3.00
CA MET A 112 -10.20 -9.62 -4.23
C MET A 112 -9.69 -10.35 -5.46
N GLU A 113 -8.41 -10.72 -5.50
CA GLU A 113 -7.92 -11.50 -6.64
C GLU A 113 -8.46 -12.90 -6.69
N VAL A 114 -8.59 -13.57 -5.53
CA VAL A 114 -9.11 -14.92 -5.54
C VAL A 114 -10.58 -14.86 -5.96
N ALA A 115 -11.35 -13.87 -5.49
CA ALA A 115 -12.77 -13.74 -5.92
C ALA A 115 -12.87 -13.50 -7.45
N ARG A 116 -11.94 -12.73 -7.99
CA ARG A 116 -11.94 -12.47 -9.45
C ARG A 116 -11.76 -13.81 -10.21
N ALA A 117 -10.77 -14.61 -9.81
CA ALA A 117 -10.52 -15.89 -10.47
C ALA A 117 -11.73 -16.80 -10.34
N SER A 118 -12.37 -16.78 -9.18
CA SER A 118 -13.59 -17.57 -8.96
C SER A 118 -14.69 -17.20 -9.96
N ARG A 119 -14.92 -15.91 -10.13
CA ARG A 119 -16.00 -15.45 -11.02
C ARG A 119 -15.72 -15.91 -12.45
N ARG A 120 -14.42 -15.96 -12.83
CA ARG A 120 -14.01 -16.35 -14.18
C ARG A 120 -13.98 -17.87 -14.41
N GLY A 121 -14.12 -18.65 -13.34
CA GLY A 121 -13.99 -20.12 -13.31
C GLY A 121 -12.59 -20.58 -13.68
N GLU A 122 -11.61 -19.73 -13.38
CA GLU A 122 -10.23 -20.10 -13.62
C GLU A 122 -9.57 -20.48 -12.32
N GLU A 123 -8.79 -21.54 -12.40
CA GLU A 123 -8.12 -22.09 -11.20
C GLU A 123 -7.06 -21.17 -10.62
N SER A 124 -6.91 -21.28 -9.31
CA SER A 124 -5.96 -20.50 -8.56
C SER A 124 -5.23 -21.44 -7.59
N ILE A 125 -4.00 -21.08 -7.33
CA ILE A 125 -3.18 -21.78 -6.36
C ILE A 125 -2.73 -20.75 -5.32
N LEU A 126 -2.93 -21.14 -4.04
CA LEU A 126 -2.43 -20.30 -2.96
C LEU A 126 -1.21 -20.96 -2.38
N ILE A 127 -0.15 -20.14 -2.16
CA ILE A 127 1.01 -20.62 -1.37
C ILE A 127 0.85 -20.18 0.09
N GLY A 128 0.76 -21.16 1.01
CA GLY A 128 0.51 -20.77 2.37
C GLY A 128 0.50 -21.98 3.26
N HIS A 129 0.32 -21.79 4.57
CA HIS A 129 0.46 -22.89 5.54
C HIS A 129 -0.94 -23.39 5.90
N ALA A 130 -1.18 -24.71 5.66
CA ALA A 130 -2.47 -25.25 6.01
C ALA A 130 -2.91 -25.02 7.48
N GLY A 131 -4.17 -24.67 7.63
CA GLY A 131 -4.72 -24.43 8.95
C GLY A 131 -4.59 -23.03 9.48
N HIS A 132 -3.76 -22.22 8.83
CA HIS A 132 -3.63 -20.85 9.34
C HIS A 132 -4.93 -20.07 8.98
N PRO A 133 -5.41 -19.20 9.89
CA PRO A 133 -6.65 -18.53 9.61
C PRO A 133 -6.61 -17.68 8.34
N GLU A 134 -5.44 -17.13 7.96
CA GLU A 134 -5.44 -16.28 6.74
C GLU A 134 -5.68 -17.19 5.51
N VAL A 135 -5.05 -18.36 5.54
CA VAL A 135 -5.26 -19.31 4.43
C VAL A 135 -6.72 -19.79 4.38
N GLU A 136 -7.36 -20.07 5.54
CA GLU A 136 -8.79 -20.42 5.52
C GLU A 136 -9.59 -19.30 4.87
N GLY A 137 -9.31 -18.05 5.23
CA GLY A 137 -10.07 -16.94 4.71
C GLY A 137 -9.84 -16.77 3.22
N THR A 138 -8.59 -16.87 2.80
CA THR A 138 -8.28 -16.64 1.37
C THR A 138 -8.83 -17.76 0.45
N MET A 139 -8.63 -19.01 0.89
CA MET A 139 -9.16 -20.15 0.13
C MET A 139 -10.69 -20.00 0.07
N GLY A 140 -11.26 -19.45 1.17
CA GLY A 140 -12.71 -19.26 1.34
C GLY A 140 -13.29 -18.10 0.48
N GLN A 141 -12.46 -17.43 -0.36
CA GLN A 141 -12.97 -16.50 -1.36
C GLN A 141 -13.30 -17.23 -2.67
N TYR A 142 -12.95 -18.51 -2.79
CA TYR A 142 -13.09 -19.21 -4.11
C TYR A 142 -14.30 -20.13 -4.00
N SER A 143 -15.21 -20.08 -4.96
CA SER A 143 -16.41 -20.89 -4.80
C SER A 143 -16.96 -21.41 -6.11
N ASN A 144 -16.29 -21.13 -7.22
CA ASN A 144 -16.72 -21.63 -8.53
C ASN A 144 -16.30 -23.06 -8.73
N PRO A 145 -17.27 -24.02 -8.71
CA PRO A 145 -17.02 -25.44 -9.01
C PRO A 145 -16.48 -25.72 -10.41
N GLU A 146 -16.67 -24.83 -11.38
CA GLU A 146 -16.09 -25.02 -12.73
C GLU A 146 -14.57 -24.77 -12.76
N GLY A 147 -14.03 -24.02 -11.75
CA GLY A 147 -12.56 -23.79 -11.64
C GLY A 147 -11.98 -24.65 -10.51
N GLY A 148 -11.20 -24.07 -9.58
CA GLY A 148 -10.63 -24.87 -8.52
C GLY A 148 -9.68 -23.97 -7.71
N MET A 149 -9.44 -24.31 -6.47
CA MET A 149 -8.58 -23.49 -5.62
C MET A 149 -7.74 -24.48 -4.85
N TYR A 150 -6.41 -24.38 -5.02
CA TYR A 150 -5.50 -25.38 -4.49
C TYR A 150 -4.46 -24.75 -3.55
N LEU A 151 -4.09 -25.44 -2.51
CA LEU A 151 -3.04 -24.96 -1.56
C LEU A 151 -1.77 -25.72 -1.78
N VAL A 152 -0.62 -24.97 -1.88
CA VAL A 152 0.72 -25.59 -1.81
C VAL A 152 1.58 -24.91 -0.78
N GLU A 153 2.36 -25.72 -0.12
CA GLU A 153 3.23 -25.24 0.93
C GLU A 153 4.72 -25.27 0.53
N SER A 154 5.09 -26.11 -0.42
CA SER A 154 6.49 -26.41 -0.69
C SER A 154 6.61 -26.73 -2.18
N PRO A 155 7.82 -26.76 -2.71
CA PRO A 155 8.04 -27.25 -4.07
C PRO A 155 7.52 -28.70 -4.22
N ASP A 156 7.65 -29.55 -3.22
CA ASP A 156 7.12 -30.93 -3.40
C ASP A 156 5.62 -30.95 -3.59
N ASP A 157 4.90 -30.02 -2.97
CA ASP A 157 3.45 -29.94 -3.19
C ASP A 157 3.19 -29.54 -4.64
N VAL A 158 4.04 -28.64 -5.19
CA VAL A 158 3.87 -28.22 -6.56
C VAL A 158 4.08 -29.45 -7.51
N TRP A 159 5.12 -30.22 -7.24
CA TRP A 159 5.49 -31.35 -8.12
C TRP A 159 4.39 -32.41 -8.12
N LYS A 160 3.49 -32.39 -7.12
CA LYS A 160 2.42 -33.42 -7.12
C LYS A 160 1.03 -32.88 -7.57
N LEU A 161 0.92 -31.56 -7.82
CA LEU A 161 -0.41 -30.93 -8.10
C LEU A 161 -0.76 -31.17 -9.56
N THR A 162 -1.98 -31.55 -9.79
CA THR A 162 -2.50 -31.61 -11.15
C THR A 162 -3.69 -30.68 -11.14
N VAL A 163 -3.83 -29.93 -12.20
CA VAL A 163 -4.96 -29.01 -12.37
C VAL A 163 -5.70 -29.30 -13.66
N LYS A 164 -6.90 -28.73 -13.74
CA LYS A 164 -7.79 -29.02 -14.90
C LYS A 164 -7.39 -28.32 -16.13
N ASN A 165 -6.96 -27.07 -15.98
CA ASN A 165 -6.58 -26.27 -17.12
C ASN A 165 -5.37 -25.37 -16.87
N GLU A 166 -4.18 -25.89 -17.14
CA GLU A 166 -3.00 -25.12 -16.78
C GLU A 166 -2.78 -23.90 -17.67
N GLU A 167 -3.55 -23.76 -18.74
CA GLU A 167 -3.45 -22.54 -19.55
C GLU A 167 -4.08 -21.34 -18.90
N LYS A 168 -5.00 -21.60 -17.99
CA LYS A 168 -5.71 -20.51 -17.28
C LYS A 168 -5.53 -20.69 -15.79
N LEU A 169 -4.40 -20.21 -15.27
CA LEU A 169 -4.05 -20.54 -13.92
C LEU A 169 -3.44 -19.33 -13.28
N SER A 170 -3.73 -19.06 -12.01
CA SER A 170 -3.03 -17.93 -11.34
C SER A 170 -2.63 -18.35 -9.92
N PHE A 171 -1.72 -17.59 -9.35
CA PHE A 171 -1.32 -17.86 -7.97
C PHE A 171 -1.36 -16.67 -7.09
N MET A 172 -1.45 -16.96 -5.79
CA MET A 172 -1.54 -15.90 -4.75
C MET A 172 -0.73 -16.42 -3.59
N THR A 173 -0.39 -15.57 -2.64
CA THR A 173 0.32 -16.09 -1.43
C THR A 173 -0.27 -15.52 -0.14
N GLN A 174 -0.03 -16.24 0.93
CA GLN A 174 -0.22 -15.68 2.25
C GLN A 174 0.75 -14.52 2.49
N THR A 175 0.32 -13.62 3.35
CA THR A 175 1.05 -12.34 3.55
C THR A 175 2.30 -12.46 4.42
N THR A 176 2.35 -13.52 5.23
CA THR A 176 3.33 -13.60 6.34
C THR A 176 4.28 -14.75 6.17
N LEU A 177 4.60 -15.16 4.96
CA LEU A 177 5.52 -16.29 4.71
C LEU A 177 6.99 -15.86 4.72
N SER A 178 7.86 -16.87 4.69
CA SER A 178 9.24 -16.65 4.38
C SER A 178 9.41 -16.17 2.95
N VAL A 179 10.10 -15.07 2.78
CA VAL A 179 10.35 -14.52 1.44
C VAL A 179 11.19 -15.55 0.63
N ASP A 180 12.22 -16.12 1.28
CA ASP A 180 13.08 -17.05 0.52
C ASP A 180 12.35 -18.37 0.17
N ASP A 181 11.64 -18.98 1.14
CA ASP A 181 10.97 -20.23 0.80
C ASP A 181 9.88 -20.04 -0.20
N THR A 182 9.20 -18.89 -0.17
CA THR A 182 8.08 -18.64 -1.14
C THR A 182 8.70 -18.48 -2.55
N SER A 183 9.86 -17.82 -2.68
CA SER A 183 10.57 -17.72 -3.95
C SER A 183 10.83 -19.09 -4.54
N ASP A 184 11.23 -20.05 -3.71
CA ASP A 184 11.44 -21.44 -4.21
C ASP A 184 10.13 -22.07 -4.74
N VAL A 185 9.02 -21.81 -4.05
CA VAL A 185 7.72 -22.34 -4.49
C VAL A 185 7.33 -21.75 -5.80
N ILE A 186 7.52 -20.43 -5.94
CA ILE A 186 7.09 -19.79 -7.19
C ILE A 186 7.95 -20.32 -8.32
N ASP A 187 9.26 -20.55 -8.05
CA ASP A 187 10.15 -21.02 -9.15
C ASP A 187 9.61 -22.41 -9.59
N ALA A 188 9.17 -23.23 -8.64
CA ALA A 188 8.64 -24.56 -8.99
C ALA A 188 7.33 -24.40 -9.75
N LEU A 189 6.44 -23.52 -9.25
CA LEU A 189 5.16 -23.25 -10.00
C LEU A 189 5.45 -22.83 -11.49
N ARG A 190 6.47 -21.98 -11.73
CA ARG A 190 6.61 -21.52 -13.08
C ARG A 190 7.28 -22.59 -13.93
N LYS A 191 8.08 -23.46 -13.34
CA LYS A 191 8.62 -24.60 -14.10
C LYS A 191 7.54 -25.59 -14.51
N ARG A 192 6.63 -25.89 -13.57
CA ARG A 192 5.59 -26.89 -13.81
C ARG A 192 4.47 -26.33 -14.66
N PHE A 193 4.22 -25.01 -14.50
CA PHE A 193 3.02 -24.40 -15.16
C PHE A 193 3.44 -23.11 -15.82
N PRO A 194 4.05 -23.22 -17.02
CA PRO A 194 4.76 -22.06 -17.52
C PRO A 194 3.83 -20.92 -17.89
N LYS A 195 2.50 -21.15 -18.02
CA LYS A 195 1.58 -20.02 -18.31
C LYS A 195 0.94 -19.40 -17.06
N ILE A 196 1.34 -19.85 -15.88
CA ILE A 196 0.77 -19.31 -14.63
C ILE A 196 0.98 -17.80 -14.50
N VAL A 197 -0.06 -17.14 -14.03
CA VAL A 197 -0.04 -15.69 -13.80
C VAL A 197 -0.03 -15.32 -12.31
N GLY A 198 0.80 -14.36 -11.93
CA GLY A 198 0.75 -13.91 -10.54
C GLY A 198 1.12 -12.47 -10.46
N PRO A 199 1.35 -12.00 -9.23
CA PRO A 199 1.89 -10.65 -9.08
C PRO A 199 3.34 -10.63 -9.52
N ARG A 200 3.98 -9.49 -9.46
CA ARG A 200 5.39 -9.44 -9.93
C ARG A 200 6.27 -10.38 -9.11
N LYS A 201 6.04 -10.41 -7.79
CA LYS A 201 6.91 -11.17 -6.87
C LYS A 201 5.99 -12.15 -6.05
N ASP A 202 5.25 -11.67 -5.08
CA ASP A 202 4.41 -12.55 -4.24
C ASP A 202 3.43 -11.54 -3.56
N ASP A 203 2.63 -12.05 -2.65
CA ASP A 203 1.69 -11.25 -1.86
C ASP A 203 2.19 -11.06 -0.43
N ILE A 204 3.48 -11.39 -0.19
CA ILE A 204 4.08 -11.17 1.15
C ILE A 204 4.08 -9.64 1.37
N CYS A 205 3.63 -9.23 2.54
CA CYS A 205 3.47 -7.78 2.72
C CYS A 205 4.78 -7.07 3.06
N TYR A 206 4.69 -5.72 3.00
CA TYR A 206 5.91 -4.94 3.28
C TYR A 206 6.42 -5.22 4.67
N ALA A 207 5.57 -5.46 5.65
CA ALA A 207 6.05 -5.55 7.05
C ALA A 207 6.80 -6.89 7.20
N THR A 208 6.30 -7.93 6.55
CA THR A 208 6.95 -9.26 6.64
C THR A 208 8.29 -9.21 5.92
N THR A 209 8.31 -8.68 4.72
CA THR A 209 9.58 -8.55 3.99
C THR A 209 10.55 -7.69 4.76
N ASN A 210 10.10 -6.60 5.32
CA ASN A 210 11.03 -5.71 6.05
C ASN A 210 11.54 -6.32 7.33
N ARG A 211 10.71 -7.01 8.12
CA ARG A 211 11.22 -7.63 9.37
C ARG A 211 12.13 -8.76 9.07
N GLN A 212 11.92 -9.53 7.97
CA GLN A 212 12.92 -10.53 7.65
C GLN A 212 14.24 -9.94 7.19
N GLU A 213 14.24 -8.88 6.41
CA GLU A 213 15.49 -8.17 6.03
C GLU A 213 16.20 -7.68 7.30
N ALA A 214 15.45 -7.16 8.26
CA ALA A 214 16.02 -6.59 9.50
C ALA A 214 16.63 -7.69 10.39
N VAL A 215 16.00 -8.86 10.46
CA VAL A 215 16.49 -9.97 11.23
C VAL A 215 17.75 -10.56 10.59
N ARG A 216 17.83 -10.57 9.23
CA ARG A 216 19.04 -11.02 8.53
C ARG A 216 20.22 -10.09 8.98
N ALA A 217 19.99 -8.78 9.02
CA ALA A 217 21.09 -7.81 9.41
C ALA A 217 21.44 -8.05 10.89
N LEU A 218 20.41 -8.28 11.71
CA LEU A 218 20.62 -8.51 13.15
C LEU A 218 21.40 -9.76 13.43
N ALA A 219 21.03 -10.82 12.72
CA ALA A 219 21.70 -12.08 12.90
C ALA A 219 23.15 -12.09 12.40
N GLU A 220 23.51 -11.15 11.51
CA GLU A 220 24.87 -11.10 10.98
C GLU A 220 25.75 -10.62 12.13
N GLN A 221 25.22 -9.80 13.02
CA GLN A 221 25.98 -9.27 14.17
C GLN A 221 25.86 -10.06 15.48
N ALA A 222 24.66 -10.53 15.79
CA ALA A 222 24.39 -11.21 17.04
C ALA A 222 24.63 -12.70 17.03
N GLU A 223 25.05 -13.25 18.17
CA GLU A 223 25.23 -14.72 18.36
C GLU A 223 23.89 -15.41 18.67
N VAL A 224 22.98 -14.67 19.34
CA VAL A 224 21.73 -15.23 19.77
C VAL A 224 20.71 -14.17 19.38
N VAL A 225 19.54 -14.61 18.90
CA VAL A 225 18.46 -13.63 18.55
C VAL A 225 17.22 -14.06 19.34
N LEU A 226 16.64 -13.11 20.05
CA LEU A 226 15.34 -13.32 20.68
C LEU A 226 14.27 -12.66 19.85
N VAL A 227 13.24 -13.41 19.50
CA VAL A 227 12.14 -12.84 18.71
C VAL A 227 10.94 -12.77 19.63
N VAL A 228 10.44 -11.55 19.89
CA VAL A 228 9.22 -11.39 20.70
C VAL A 228 8.03 -11.67 19.83
N GLY A 229 7.24 -12.70 20.18
CA GLY A 229 6.03 -13.05 19.41
C GLY A 229 5.46 -14.32 19.98
N SER A 230 4.18 -14.53 19.74
CA SER A 230 3.51 -15.71 20.24
C SER A 230 3.70 -16.94 19.33
N LYS A 231 3.44 -18.14 19.88
CA LYS A 231 3.80 -19.35 19.11
C LYS A 231 2.97 -19.53 17.86
N ASN A 232 1.74 -19.00 17.85
CA ASN A 232 0.87 -19.10 16.70
C ASN A 232 1.02 -17.96 15.73
N SER A 233 2.00 -17.07 15.92
CA SER A 233 2.20 -15.98 14.93
C SER A 233 3.17 -16.48 13.81
N SER A 234 2.61 -16.65 12.62
CA SER A 234 3.39 -17.11 11.46
C SER A 234 4.60 -16.17 11.29
N ASN A 235 4.31 -14.85 11.15
CA ASN A 235 5.42 -13.94 10.73
C ASN A 235 6.54 -14.03 11.82
N SER A 236 6.15 -14.12 13.10
CA SER A 236 7.13 -14.18 14.18
C SER A 236 8.05 -15.41 14.06
N ASN A 237 7.42 -16.55 13.79
CA ASN A 237 8.16 -17.77 13.67
C ASN A 237 9.10 -17.67 12.45
N ARG A 238 8.68 -16.97 11.39
CA ARG A 238 9.62 -16.83 10.25
C ARG A 238 10.89 -16.12 10.65
N LEU A 239 10.76 -15.18 11.58
CA LEU A 239 11.99 -14.37 11.94
C LEU A 239 12.90 -15.27 12.74
N ALA A 240 12.37 -16.09 13.65
CA ALA A 240 13.23 -17.03 14.42
C ALA A 240 13.87 -18.03 13.48
N GLU A 241 13.08 -18.56 12.53
CA GLU A 241 13.59 -19.57 11.62
C GLU A 241 14.73 -18.98 10.78
N LEU A 242 14.59 -17.76 10.31
CA LEU A 242 15.58 -17.10 9.45
C LEU A 242 16.90 -17.03 10.17
N ALA A 243 16.89 -16.60 11.43
CA ALA A 243 18.12 -16.50 12.21
C ALA A 243 18.72 -17.85 12.46
N GLN A 244 17.88 -18.89 12.71
CA GLN A 244 18.41 -20.23 13.02
C GLN A 244 19.10 -20.78 11.77
N ARG A 245 18.54 -20.49 10.57
CA ARG A 245 19.11 -20.99 9.32
C ARG A 245 20.44 -20.28 9.04
N MET A 246 20.67 -19.14 9.68
CA MET A 246 21.98 -18.48 9.60
C MET A 246 22.93 -18.97 10.64
N GLY A 247 22.52 -20.01 11.36
CA GLY A 247 23.43 -20.63 12.32
C GLY A 247 23.50 -19.99 13.68
N LYS A 248 22.54 -19.12 13.98
CA LYS A 248 22.48 -18.52 15.31
C LYS A 248 21.42 -19.22 16.15
N ARG A 249 21.61 -19.26 17.46
CA ARG A 249 20.55 -19.78 18.32
C ARG A 249 19.48 -18.66 18.29
N ALA A 250 18.21 -19.03 18.14
CA ALA A 250 17.14 -18.05 18.13
C ALA A 250 15.96 -18.63 18.82
N PHE A 251 15.31 -17.78 19.62
CA PHE A 251 14.19 -18.23 20.44
C PHE A 251 12.99 -17.31 20.23
N LEU A 252 11.84 -17.94 20.05
CA LEU A 252 10.57 -17.20 19.99
C LEU A 252 10.01 -17.17 21.39
N ILE A 253 9.81 -15.95 21.93
CA ILE A 253 9.38 -15.81 23.33
C ILE A 253 8.22 -14.84 23.44
N ASP A 254 7.34 -15.09 24.40
CA ASP A 254 6.30 -14.18 24.60
C ASP A 254 6.67 -12.95 25.34
N ASP A 255 7.54 -13.15 26.32
CA ASP A 255 7.91 -12.09 27.22
C ASP A 255 9.18 -12.41 27.94
N ALA A 256 9.64 -11.45 28.72
CA ALA A 256 10.93 -11.59 29.38
C ALA A 256 11.07 -12.78 30.33
N LYS A 257 9.93 -13.20 30.92
CA LYS A 257 9.94 -14.37 31.83
C LYS A 257 10.42 -15.65 31.12
N ASP A 258 10.28 -15.71 29.80
CA ASP A 258 10.65 -16.91 29.05
C ASP A 258 12.17 -17.03 28.84
N ILE A 259 12.94 -15.96 29.08
CA ILE A 259 14.36 -15.98 28.76
C ILE A 259 15.06 -16.90 29.79
N GLN A 260 15.77 -17.88 29.26
CA GLN A 260 16.53 -18.81 30.08
C GLN A 260 17.96 -18.28 30.14
N GLU A 261 18.52 -18.21 31.34
CA GLU A 261 19.86 -17.64 31.51
C GLU A 261 20.93 -18.29 30.62
N GLU A 262 20.83 -19.60 30.43
CA GLU A 262 21.83 -20.34 29.64
C GLU A 262 21.88 -19.87 28.17
N TRP A 263 20.79 -19.30 27.68
CA TRP A 263 20.75 -18.84 26.28
C TRP A 263 21.68 -17.70 26.07
N VAL A 264 21.94 -16.90 27.13
CA VAL A 264 22.80 -15.71 26.95
C VAL A 264 24.07 -15.70 27.80
N LYS A 265 24.28 -16.78 28.57
CA LYS A 265 25.53 -16.88 29.34
C LYS A 265 26.78 -16.84 28.46
N GLU A 266 27.64 -15.86 28.71
CA GLU A 266 28.91 -15.79 27.97
C GLU A 266 28.73 -15.37 26.52
N VAL A 267 27.55 -14.84 26.18
CA VAL A 267 27.32 -14.32 24.83
C VAL A 267 27.73 -12.91 24.80
N LYS A 268 28.48 -12.53 23.78
CA LYS A 268 28.92 -11.14 23.64
C LYS A 268 27.95 -10.19 22.95
N CYS A 269 27.08 -10.74 22.08
CA CYS A 269 26.17 -9.88 21.40
C CYS A 269 24.87 -10.62 21.28
N VAL A 270 23.79 -10.04 21.83
CA VAL A 270 22.41 -10.63 21.69
C VAL A 270 21.57 -9.65 20.95
N GLY A 271 20.76 -10.14 19.99
CA GLY A 271 19.87 -9.33 19.17
C GLY A 271 18.47 -9.60 19.62
N VAL A 272 17.66 -8.53 19.59
CA VAL A 272 16.22 -8.67 19.89
C VAL A 272 15.44 -8.09 18.74
N THR A 273 14.42 -8.83 18.36
CA THR A 273 13.46 -8.24 17.41
C THR A 273 12.04 -8.65 17.89
N ALA A 274 11.01 -8.31 17.13
CA ALA A 274 9.62 -8.58 17.50
C ALA A 274 8.83 -8.75 16.21
N GLY A 275 7.92 -9.71 16.23
CA GLY A 275 6.99 -9.88 15.12
C GLY A 275 6.00 -8.72 14.97
N ALA A 276 5.20 -8.79 13.90
CA ALA A 276 4.33 -7.67 13.54
C ALA A 276 3.18 -7.48 14.54
N SER A 277 2.91 -8.53 15.33
CA SER A 277 1.74 -8.50 16.27
C SER A 277 2.20 -8.29 17.72
N ALA A 278 3.48 -7.99 17.96
CA ALA A 278 4.04 -7.89 19.34
C ALA A 278 4.25 -6.44 19.79
N PRO A 279 3.68 -6.04 20.91
CA PRO A 279 3.79 -4.63 21.33
C PRO A 279 5.14 -4.29 21.89
N ASP A 280 5.45 -3.02 21.74
CA ASP A 280 6.79 -2.57 22.07
C ASP A 280 7.06 -2.71 23.57
N ILE A 281 6.04 -2.60 24.44
CA ILE A 281 6.32 -2.83 25.88
C ILE A 281 6.94 -4.20 26.16
N LEU A 282 6.62 -5.22 25.35
CA LEU A 282 7.21 -6.51 25.62
C LEU A 282 8.69 -6.47 25.29
N VAL A 283 9.06 -5.76 24.21
CA VAL A 283 10.50 -5.62 23.84
C VAL A 283 11.18 -4.84 24.96
N GLN A 284 10.56 -3.77 25.46
CA GLN A 284 11.27 -3.01 26.53
C GLN A 284 11.51 -3.85 27.78
N ASN A 285 10.54 -4.74 28.12
CA ASN A 285 10.75 -5.68 29.26
C ASN A 285 11.84 -6.71 28.98
N VAL A 286 11.89 -7.20 27.74
CA VAL A 286 12.96 -8.09 27.39
C VAL A 286 14.34 -7.44 27.48
N VAL A 287 14.48 -6.20 26.99
CA VAL A 287 15.73 -5.49 27.14
C VAL A 287 16.05 -5.36 28.61
N ALA A 288 15.07 -5.02 29.46
CA ALA A 288 15.38 -4.82 30.89
C ALA A 288 15.91 -6.12 31.50
N ARG A 289 15.35 -7.27 31.06
CA ARG A 289 15.83 -8.53 31.61
C ARG A 289 17.21 -8.87 31.08
N LEU A 290 17.50 -8.61 29.79
CA LEU A 290 18.88 -8.78 29.32
C LEU A 290 19.91 -7.91 30.05
N GLN A 291 19.48 -6.71 30.47
CA GLN A 291 20.35 -5.82 31.25
C GLN A 291 20.58 -6.44 32.63
N GLN A 292 19.60 -7.09 33.23
CA GLN A 292 19.86 -7.85 34.52
C GLN A 292 20.89 -8.91 34.32
N LEU A 293 20.84 -9.51 33.14
CA LEU A 293 21.78 -10.59 32.78
C LEU A 293 23.10 -10.11 32.19
N GLY A 294 23.37 -8.80 32.31
CA GLY A 294 24.74 -8.27 32.02
C GLY A 294 24.78 -7.42 30.80
N GLY A 295 23.65 -7.29 30.12
CA GLY A 295 23.60 -6.42 28.94
C GLY A 295 23.72 -4.92 29.20
N GLY A 296 24.29 -4.20 28.20
CA GLY A 296 24.39 -2.73 28.24
C GLY A 296 23.16 -2.01 27.69
N GLU A 297 23.31 -0.72 27.37
CA GLU A 297 22.22 0.07 26.68
C GLU A 297 21.89 -0.64 25.38
N ALA A 298 20.60 -0.67 25.02
CA ALA A 298 20.21 -1.37 23.81
C ALA A 298 20.52 -0.43 22.69
N ILE A 299 21.14 -0.98 21.63
CA ILE A 299 21.56 -0.18 20.45
C ILE A 299 20.64 -0.53 19.26
N PRO A 300 19.84 0.40 18.80
CA PRO A 300 19.05 0.21 17.63
C PRO A 300 19.86 0.16 16.29
N LEU A 301 19.74 -0.90 15.51
CA LEU A 301 20.34 -0.93 14.18
C LEU A 301 19.67 0.07 13.22
N GLU A 302 20.39 0.54 12.20
CA GLU A 302 19.73 1.38 11.21
C GLU A 302 18.83 0.52 10.38
N GLY A 303 17.72 1.04 9.93
CA GLY A 303 16.81 0.22 9.14
C GLY A 303 16.01 0.95 8.15
N ARG A 304 15.31 0.16 7.32
CA ARG A 304 14.39 0.64 6.29
C ARG A 304 13.29 1.39 7.02
N GLU A 305 12.96 2.57 6.51
CA GLU A 305 11.89 3.41 7.00
C GLU A 305 10.57 2.77 6.68
N GLU A 306 9.63 2.72 7.65
CA GLU A 306 8.20 2.41 7.29
C GLU A 306 7.36 3.61 7.55
N ASN A 307 6.46 3.85 6.62
CA ASN A 307 5.57 5.09 6.67
C ASN A 307 4.09 4.82 6.47
N ILE A 308 3.67 3.58 6.32
CA ILE A 308 2.26 3.31 6.00
C ILE A 308 1.46 3.21 7.30
N VAL A 309 0.27 3.79 7.27
CA VAL A 309 -0.72 3.74 8.37
C VAL A 309 -2.02 3.35 7.69
N PHE A 310 -2.80 2.50 8.34
CA PHE A 310 -4.15 2.21 7.85
C PHE A 310 -5.13 2.77 8.92
N GLU A 311 -6.04 3.66 8.52
CA GLU A 311 -6.99 4.26 9.54
C GLU A 311 -8.12 3.30 9.88
N VAL A 312 -8.62 3.45 11.10
CA VAL A 312 -9.87 2.73 11.45
C VAL A 312 -11.05 3.26 10.66
N PRO A 313 -12.04 2.43 10.46
CA PRO A 313 -13.24 2.89 9.76
C PRO A 313 -13.87 4.09 10.50
N LYS A 314 -14.42 5.03 9.73
CA LYS A 314 -14.99 6.24 10.30
C LYS A 314 -16.04 5.95 11.43
N GLU A 315 -16.84 4.90 11.26
CA GLU A 315 -17.81 4.50 12.30
C GLU A 315 -17.20 4.16 13.65
N LEU A 316 -15.86 3.99 13.70
CA LEU A 316 -15.22 3.62 14.92
C LEU A 316 -14.20 4.64 15.42
N ARG A 317 -14.17 5.84 14.87
CA ARG A 317 -13.32 6.87 15.51
C ARG A 317 -13.86 7.27 16.91
N MET B 9 -31.17 24.18 -7.91
CA MET B 9 -29.95 23.36 -8.32
C MET B 9 -29.35 22.53 -7.19
N GLN B 10 -29.25 21.23 -7.42
CA GLN B 10 -28.77 20.27 -6.46
C GLN B 10 -27.26 20.20 -6.70
N ILE B 11 -26.52 20.31 -5.61
CA ILE B 11 -25.04 20.17 -5.73
C ILE B 11 -24.67 18.82 -5.15
N LEU B 12 -23.99 18.00 -5.95
CA LEU B 12 -23.51 16.68 -5.47
C LEU B 12 -21.98 16.70 -5.39
N LEU B 13 -21.45 16.08 -4.35
CA LEU B 13 -19.97 15.90 -4.25
C LEU B 13 -19.55 14.47 -4.46
N ALA B 14 -18.52 14.26 -5.29
CA ALA B 14 -18.03 12.88 -5.52
C ALA B 14 -17.28 12.41 -4.24
N ASN B 15 -17.29 11.12 -4.01
CA ASN B 15 -16.47 10.54 -2.90
C ASN B 15 -15.92 9.19 -3.35
N PRO B 16 -14.60 9.01 -3.31
CA PRO B 16 -13.61 10.00 -2.84
C PRO B 16 -13.32 11.11 -3.81
N ARG B 17 -12.70 12.19 -3.26
CA ARG B 17 -12.25 13.31 -4.06
C ARG B 17 -11.07 13.95 -3.34
N GLY B 18 -10.30 14.77 -4.01
CA GLY B 18 -9.27 15.56 -3.38
C GLY B 18 -8.10 14.71 -2.90
N PHE B 19 -7.45 15.23 -1.87
CA PHE B 19 -6.08 14.71 -1.54
C PHE B 19 -6.02 13.22 -1.37
N CYS B 20 -5.05 12.64 -2.05
CA CYS B 20 -4.60 11.29 -1.71
C CYS B 20 -3.50 11.23 -0.65
N ALA B 21 -3.06 10.01 -0.33
CA ALA B 21 -2.09 9.88 0.74
C ALA B 21 -0.68 10.44 0.34
N GLY B 22 -0.32 10.28 -0.95
CA GLY B 22 0.98 10.75 -1.42
C GLY B 22 1.05 12.27 -1.42
N VAL B 23 -0.01 12.92 -1.85
CA VAL B 23 0.00 14.39 -1.86
C VAL B 23 -0.03 14.97 -0.48
N ASP B 24 -0.82 14.38 0.43
CA ASP B 24 -0.89 14.95 1.77
C ASP B 24 0.51 14.83 2.41
N ARG B 25 1.19 13.71 2.21
CA ARG B 25 2.56 13.57 2.70
C ARG B 25 3.50 14.60 2.09
N ALA B 26 3.45 14.74 0.77
CA ALA B 26 4.48 15.56 0.08
C ALA B 26 4.30 17.02 0.53
N ILE B 27 3.04 17.49 0.60
CA ILE B 27 2.82 18.91 1.07
C ILE B 27 3.24 19.07 2.52
N SER B 28 2.95 18.07 3.36
CA SER B 28 3.42 18.15 4.75
C SER B 28 4.94 18.15 4.87
N ILE B 29 5.64 17.46 3.95
CA ILE B 29 7.09 17.48 3.94
C ILE B 29 7.59 18.93 3.78
N VAL B 30 7.05 19.61 2.77
CA VAL B 30 7.49 20.98 2.56
C VAL B 30 7.06 21.92 3.71
N GLU B 31 5.80 21.81 4.16
CA GLU B 31 5.35 22.62 5.24
C GLU B 31 6.20 22.44 6.47
N ASN B 32 6.49 21.19 6.81
CA ASN B 32 7.22 20.89 8.04
C ASN B 32 8.68 21.29 7.92
N ALA B 33 9.24 21.12 6.71
CA ALA B 33 10.63 21.59 6.53
C ALA B 33 10.66 23.10 6.77
N LEU B 34 9.71 23.82 6.20
CA LEU B 34 9.68 25.28 6.45
C LEU B 34 9.58 25.58 7.95
N ALA B 35 8.67 24.88 8.63
CA ALA B 35 8.46 25.09 10.11
C ALA B 35 9.74 24.78 10.89
N ILE B 36 10.50 23.72 10.58
CA ILE B 36 11.59 23.26 11.38
C ILE B 36 12.86 24.05 11.05
N TYR B 37 13.11 24.26 9.78
CA TYR B 37 14.39 24.84 9.31
C TYR B 37 14.27 26.30 8.89
N GLY B 38 13.05 26.81 8.73
CA GLY B 38 12.78 28.17 8.25
C GLY B 38 12.95 28.31 6.74
N ALA B 39 12.48 29.43 6.17
CA ALA B 39 12.67 29.77 4.74
C ALA B 39 14.15 30.17 4.50
N PRO B 40 14.70 29.84 3.33
CA PRO B 40 14.02 29.17 2.20
C PRO B 40 14.19 27.70 2.29
N ILE B 41 13.26 27.00 1.67
CA ILE B 41 13.42 25.55 1.43
C ILE B 41 13.24 25.39 -0.08
N TYR B 42 14.16 24.68 -0.71
CA TYR B 42 14.11 24.57 -2.21
C TYR B 42 13.34 23.32 -2.58
N VAL B 43 12.57 23.42 -3.64
CA VAL B 43 11.80 22.29 -4.07
C VAL B 43 12.00 22.13 -5.55
N ARG B 44 12.37 20.93 -5.94
CA ARG B 44 12.61 20.65 -7.37
C ARG B 44 11.30 20.39 -8.12
N HIS B 45 10.86 21.41 -8.86
CA HIS B 45 9.63 21.45 -9.58
C HIS B 45 8.44 21.50 -8.64
N GLU B 46 7.24 21.68 -9.21
CA GLU B 46 6.04 21.79 -8.34
C GLU B 46 5.92 20.56 -7.50
N VAL B 47 5.74 20.73 -6.19
CA VAL B 47 5.73 19.54 -5.32
C VAL B 47 4.52 18.61 -5.67
N VAL B 48 3.39 19.24 -6.00
CA VAL B 48 2.24 18.56 -6.57
C VAL B 48 1.72 19.51 -7.64
N HIS B 49 0.96 18.99 -8.59
CA HIS B 49 0.52 19.84 -9.72
C HIS B 49 -0.75 20.62 -9.33
N ASN B 50 -0.57 21.56 -8.39
CA ASN B 50 -1.70 22.38 -8.06
C ASN B 50 -1.24 23.81 -7.82
N ARG B 51 -1.85 24.73 -8.59
CA ARG B 51 -1.41 26.09 -8.52
C ARG B 51 -1.62 26.71 -7.14
N TYR B 52 -2.76 26.42 -6.52
CA TYR B 52 -3.03 27.01 -5.23
C TYR B 52 -1.96 26.50 -4.19
N VAL B 53 -1.71 25.17 -4.16
CA VAL B 53 -0.76 24.65 -3.20
C VAL B 53 0.61 25.23 -3.45
N VAL B 54 1.04 25.29 -4.71
CA VAL B 54 2.43 25.80 -5.02
C VAL B 54 2.50 27.27 -4.61
N ASP B 55 1.45 28.04 -4.96
CA ASP B 55 1.48 29.48 -4.58
C ASP B 55 1.51 29.68 -3.05
N SER B 56 0.78 28.84 -2.33
CA SER B 56 0.78 28.92 -0.90
C SER B 56 2.13 28.65 -0.27
N LEU B 57 2.83 27.64 -0.79
CA LEU B 57 4.13 27.29 -0.24
C LEU B 57 5.09 28.38 -0.61
N ARG B 58 4.96 28.88 -1.85
CA ARG B 58 5.87 29.99 -2.23
C ARG B 58 5.71 31.18 -1.25
N GLU B 59 4.47 31.49 -0.89
CA GLU B 59 4.20 32.65 0.00
C GLU B 59 4.76 32.40 1.40
N ARG B 60 5.00 31.12 1.74
CA ARG B 60 5.63 30.78 2.97
C ARG B 60 7.13 30.59 2.90
N GLY B 61 7.68 30.79 1.70
CA GLY B 61 9.13 30.84 1.55
C GLY B 61 9.79 29.64 0.85
N ALA B 62 8.96 28.75 0.32
CA ALA B 62 9.49 27.71 -0.58
C ALA B 62 9.92 28.32 -1.89
N ILE B 63 11.05 27.87 -2.42
CA ILE B 63 11.50 28.41 -3.68
C ILE B 63 11.45 27.21 -4.61
N PHE B 64 10.66 27.29 -5.69
CA PHE B 64 10.56 26.19 -6.65
C PHE B 64 11.57 26.40 -7.80
N ILE B 65 12.43 25.41 -8.00
CA ILE B 65 13.55 25.52 -8.99
C ILE B 65 13.47 24.42 -10.03
N GLU B 66 14.15 24.59 -11.18
CA GLU B 66 14.00 23.60 -12.24
C GLU B 66 15.18 22.60 -12.20
N GLN B 67 16.37 23.07 -11.86
CA GLN B 67 17.57 22.19 -11.79
C GLN B 67 18.28 22.31 -10.45
N ILE B 68 18.80 21.20 -9.99
CA ILE B 68 19.52 21.15 -8.69
C ILE B 68 20.70 22.13 -8.65
N SER B 69 21.28 22.38 -9.82
CA SER B 69 22.40 23.32 -9.82
C SER B 69 22.00 24.74 -9.45
N GLU B 70 20.69 25.03 -9.44
CA GLU B 70 20.21 26.34 -8.98
C GLU B 70 20.19 26.46 -7.46
N VAL B 71 20.37 25.34 -6.74
CA VAL B 71 20.25 25.32 -5.29
C VAL B 71 21.60 25.54 -4.67
N PRO B 72 21.69 26.47 -3.71
CA PRO B 72 23.03 26.73 -3.09
C PRO B 72 23.52 25.62 -2.14
N ASP B 73 24.83 25.44 -1.99
CA ASP B 73 25.33 24.53 -0.93
C ASP B 73 24.75 24.88 0.44
N GLY B 74 24.53 23.86 1.24
CA GLY B 74 24.02 24.02 2.59
C GLY B 74 22.53 24.08 2.66
N ALA B 75 21.88 24.05 1.53
CA ALA B 75 20.42 24.22 1.52
C ALA B 75 19.67 22.88 1.87
N ILE B 76 18.35 23.00 2.01
CA ILE B 76 17.42 21.87 2.08
C ILE B 76 16.67 21.85 0.74
N LEU B 77 16.68 20.67 0.14
CA LEU B 77 16.08 20.43 -1.17
C LEU B 77 15.02 19.32 -1.04
N ILE B 78 13.83 19.49 -1.62
CA ILE B 78 12.76 18.49 -1.56
C ILE B 78 12.52 18.01 -3.00
N PHE B 79 12.49 16.69 -3.22
CA PHE B 79 12.02 16.16 -4.55
C PHE B 79 10.50 16.09 -4.60
N SER B 80 9.87 16.38 -5.74
CA SER B 80 8.39 16.35 -5.77
C SER B 80 7.75 14.98 -5.61
N ALA B 81 6.43 14.99 -5.42
CA ALA B 81 5.69 13.74 -5.24
C ALA B 81 5.87 12.77 -6.46
N HIS B 82 6.11 13.33 -7.63
CA HIS B 82 6.05 12.59 -8.92
C HIS B 82 7.31 11.75 -9.12
N GLY B 83 8.37 11.98 -8.30
CA GLY B 83 9.58 11.16 -8.36
C GLY B 83 10.63 11.77 -9.29
N VAL B 84 11.84 11.26 -9.20
CA VAL B 84 12.98 11.78 -9.95
C VAL B 84 13.79 10.61 -10.48
N SER B 85 14.54 10.92 -11.54
CA SER B 85 15.44 9.90 -12.09
C SER B 85 16.59 9.56 -11.15
N GLN B 86 17.27 8.44 -11.45
CA GLN B 86 18.48 8.14 -10.70
C GLN B 86 19.51 9.21 -10.91
N ALA B 87 19.60 9.77 -12.12
CA ALA B 87 20.62 10.83 -12.38
C ALA B 87 20.36 12.05 -11.47
N VAL B 88 19.09 12.43 -11.28
CA VAL B 88 18.81 13.55 -10.42
C VAL B 88 19.15 13.18 -8.96
N ARG B 89 18.76 11.98 -8.53
CA ARG B 89 19.06 11.53 -7.18
C ARG B 89 20.51 11.51 -6.86
N ASN B 90 21.28 10.97 -7.79
CA ASN B 90 22.74 10.89 -7.56
C ASN B 90 23.40 12.24 -7.52
N GLU B 91 22.97 13.12 -8.40
CA GLU B 91 23.49 14.47 -8.39
C GLU B 91 23.25 15.13 -7.04
N ALA B 92 22.04 14.99 -6.51
CA ALA B 92 21.75 15.67 -5.25
C ALA B 92 22.60 14.97 -4.18
N LYS B 93 22.80 13.65 -4.26
CA LYS B 93 23.59 12.89 -3.24
C LYS B 93 25.00 13.42 -3.17
N SER B 94 25.55 13.81 -4.32
CA SER B 94 26.94 14.20 -4.36
C SER B 94 27.16 15.63 -3.87
N ARG B 95 26.11 16.44 -3.83
CA ARG B 95 26.16 17.82 -3.45
C ARG B 95 26.05 17.94 -1.93
N ASP B 96 26.55 19.03 -1.43
CA ASP B 96 26.44 19.43 -0.02
C ASP B 96 25.02 20.01 0.20
N LEU B 97 24.04 19.09 0.18
CA LEU B 97 22.63 19.43 0.36
C LEU B 97 21.98 18.50 1.31
N THR B 98 20.90 18.95 2.00
CA THR B 98 20.08 18.07 2.86
C THR B 98 18.83 17.77 2.00
N VAL B 99 18.68 16.51 1.65
CA VAL B 99 17.59 16.13 0.70
C VAL B 99 16.47 15.39 1.43
N PHE B 100 15.24 15.83 1.20
CA PHE B 100 14.05 15.07 1.62
C PHE B 100 13.29 14.69 0.40
N ASP B 101 12.93 13.43 0.34
CA ASP B 101 12.34 12.90 -0.86
C ASP B 101 10.84 12.75 -0.70
N ALA B 102 10.04 13.64 -1.30
CA ALA B 102 8.57 13.56 -1.18
C ALA B 102 7.97 12.64 -2.22
N THR B 103 8.80 11.90 -2.99
CA THR B 103 8.19 10.92 -3.96
C THR B 103 7.11 10.07 -3.28
N CYS B 104 5.97 9.88 -3.89
CA CYS B 104 4.97 9.01 -3.24
C CYS B 104 5.53 7.57 -3.20
N PRO B 105 5.29 6.82 -2.09
CA PRO B 105 5.67 5.42 -2.06
C PRO B 105 5.13 4.60 -3.26
N LEU B 106 3.96 4.96 -3.78
CA LEU B 106 3.39 4.14 -4.86
C LEU B 106 4.01 4.45 -6.21
N VAL B 107 4.75 5.54 -6.28
CA VAL B 107 5.63 5.77 -7.45
C VAL B 107 6.95 5.05 -7.21
N THR B 108 7.55 5.22 -6.02
CA THR B 108 8.78 4.42 -5.69
C THR B 108 8.66 2.95 -5.98
N LYS B 109 7.48 2.40 -5.74
CA LYS B 109 7.28 0.94 -6.01
C LYS B 109 7.50 0.60 -7.50
N VAL B 110 7.05 1.48 -8.36
CA VAL B 110 7.22 1.25 -9.79
C VAL B 110 8.72 1.43 -10.13
N HIS B 111 9.34 2.46 -9.57
CA HIS B 111 10.78 2.70 -9.85
C HIS B 111 11.59 1.44 -9.52
N MET B 112 11.31 0.80 -8.37
CA MET B 112 12.07 -0.36 -8.00
C MET B 112 11.97 -1.44 -9.04
N GLU B 113 10.80 -1.55 -9.69
CA GLU B 113 10.66 -2.68 -10.65
C GLU B 113 11.40 -2.35 -11.94
N VAL B 114 11.44 -1.06 -12.28
CA VAL B 114 12.23 -0.65 -13.45
C VAL B 114 13.73 -0.88 -13.20
N ALA B 115 14.21 -0.51 -12.01
CA ALA B 115 15.64 -0.74 -11.65
C ALA B 115 15.96 -2.26 -11.70
N ARG B 116 15.04 -3.10 -11.23
CA ARG B 116 15.26 -4.54 -11.31
C ARG B 116 15.43 -4.98 -12.78
N ALA B 117 14.55 -4.53 -13.67
CA ALA B 117 14.63 -4.96 -15.08
C ALA B 117 15.93 -4.45 -15.67
N SER B 118 16.39 -3.27 -15.28
CA SER B 118 17.68 -2.69 -15.76
C SER B 118 18.87 -3.51 -15.33
N ARG B 119 18.87 -3.93 -14.08
CA ARG B 119 19.95 -4.78 -13.49
C ARG B 119 20.06 -6.07 -14.30
N ARG B 120 18.90 -6.62 -14.72
CA ARG B 120 18.83 -7.88 -15.51
C ARG B 120 19.08 -7.70 -17.01
N GLY B 121 19.17 -6.45 -17.49
CA GLY B 121 19.34 -6.11 -18.92
C GLY B 121 18.18 -6.55 -19.78
N GLU B 122 16.99 -6.55 -19.19
CA GLU B 122 15.80 -7.02 -19.84
C GLU B 122 14.95 -5.81 -20.09
N GLU B 123 14.35 -5.75 -21.28
CA GLU B 123 13.65 -4.56 -21.74
C GLU B 123 12.35 -4.34 -20.97
N SER B 124 12.04 -3.05 -20.78
CA SER B 124 10.78 -2.70 -20.13
C SER B 124 10.06 -1.70 -20.97
N ILE B 125 8.74 -1.71 -20.80
CA ILE B 125 7.82 -0.83 -21.50
C ILE B 125 7.00 -0.09 -20.46
N LEU B 126 7.02 1.24 -20.52
CA LEU B 126 6.22 2.08 -19.60
C LEU B 126 5.04 2.58 -20.41
N ILE B 127 3.85 2.39 -19.83
CA ILE B 127 2.65 3.08 -20.36
C ILE B 127 2.49 4.38 -19.62
N GLY B 128 2.56 5.48 -20.38
CA GLY B 128 2.56 6.75 -19.73
C GLY B 128 2.51 7.91 -20.75
N HIS B 129 2.50 9.15 -20.25
CA HIS B 129 2.32 10.28 -21.18
C HIS B 129 3.68 10.97 -21.32
N ALA B 130 4.15 11.11 -22.57
CA ALA B 130 5.47 11.73 -22.78
C ALA B 130 5.54 13.14 -22.12
N GLY B 131 6.66 13.45 -21.50
CA GLY B 131 6.82 14.78 -20.91
C GLY B 131 6.39 14.91 -19.48
N HIS B 132 5.59 13.94 -19.00
CA HIS B 132 5.11 14.10 -17.61
C HIS B 132 6.28 13.83 -16.64
N PRO B 133 6.44 14.57 -15.52
CA PRO B 133 7.59 14.33 -14.64
C PRO B 133 7.63 12.94 -14.09
N GLU B 134 6.44 12.30 -13.88
CA GLU B 134 6.56 10.95 -13.32
C GLU B 134 7.15 9.99 -14.38
N VAL B 135 6.80 10.22 -15.65
CA VAL B 135 7.37 9.41 -16.74
C VAL B 135 8.91 9.65 -16.85
N GLU B 136 9.35 10.91 -16.71
CA GLU B 136 10.81 11.18 -16.69
C GLU B 136 11.51 10.46 -15.58
N GLY B 137 10.90 10.45 -14.36
CA GLY B 137 11.56 9.80 -13.24
C GLY B 137 11.64 8.31 -13.41
N THR B 138 10.52 7.70 -13.87
CA THR B 138 10.41 6.26 -14.05
C THR B 138 11.26 5.73 -15.22
N MET B 139 11.24 6.44 -16.36
CA MET B 139 12.16 6.08 -17.45
C MET B 139 13.57 6.18 -16.94
N GLY B 140 13.81 7.19 -16.08
CA GLY B 140 15.11 7.46 -15.49
C GLY B 140 15.67 6.49 -14.46
N GLN B 141 14.92 5.40 -14.15
CA GLN B 141 15.40 4.33 -13.29
C GLN B 141 16.12 3.26 -14.16
N TYR B 142 16.03 3.40 -15.49
CA TYR B 142 16.62 2.37 -16.39
C TYR B 142 17.92 2.81 -17.03
N SER B 143 18.95 2.01 -16.91
CA SER B 143 20.25 2.51 -17.43
C SER B 143 21.11 1.51 -18.16
N ASN B 144 20.69 0.25 -18.21
CA ASN B 144 21.44 -0.84 -18.91
C ASN B 144 21.31 -0.79 -20.44
N PRO B 145 22.43 -0.50 -21.14
CA PRO B 145 22.41 -0.49 -22.62
C PRO B 145 22.16 -1.90 -23.25
N GLU B 146 22.39 -2.99 -22.50
CA GLU B 146 22.06 -4.34 -23.00
C GLU B 146 20.56 -4.59 -23.17
N GLY B 147 19.73 -3.84 -22.41
CA GLY B 147 18.26 -3.91 -22.48
C GLY B 147 17.66 -2.75 -23.23
N GLY B 148 16.63 -2.14 -22.66
CA GLY B 148 16.01 -0.99 -23.30
C GLY B 148 14.80 -0.61 -22.47
N MET B 149 14.38 0.65 -22.62
CA MET B 149 13.21 1.19 -21.93
C MET B 149 12.48 2.03 -22.92
N TYR B 150 11.21 1.67 -23.09
CA TYR B 150 10.37 2.21 -24.13
C TYR B 150 9.09 2.78 -23.56
N LEU B 151 8.62 3.89 -24.14
CA LEU B 151 7.39 4.49 -23.70
C LEU B 151 6.32 4.28 -24.74
N VAL B 152 5.11 3.86 -24.32
CA VAL B 152 3.93 3.77 -25.23
C VAL B 152 2.78 4.48 -24.58
N GLU B 153 1.94 5.11 -25.38
CA GLU B 153 0.78 5.85 -24.91
C GLU B 153 -0.54 5.27 -25.38
N SER B 154 -0.50 4.47 -26.44
CA SER B 154 -1.73 4.04 -27.10
C SER B 154 -1.49 2.64 -27.67
N PRO B 155 -2.59 1.94 -28.01
CA PRO B 155 -2.47 0.66 -28.72
C PRO B 155 -1.66 0.86 -29.98
N ASP B 156 -1.84 1.99 -30.68
CA ASP B 156 -1.01 2.22 -31.89
C ASP B 156 0.47 2.24 -31.68
N ASP B 157 0.90 2.85 -30.56
CA ASP B 157 2.29 2.86 -30.20
C ASP B 157 2.79 1.41 -29.97
N VAL B 158 1.95 0.55 -29.34
CA VAL B 158 2.33 -0.89 -29.12
C VAL B 158 2.51 -1.63 -30.47
N TRP B 159 1.63 -1.33 -31.42
CA TRP B 159 1.70 -2.02 -32.70
C TRP B 159 2.93 -1.62 -33.52
N LYS B 160 3.45 -0.42 -33.28
CA LYS B 160 4.60 0.08 -34.09
C LYS B 160 5.96 -0.20 -33.35
N LEU B 161 5.94 -0.69 -32.09
CA LEU B 161 7.17 -0.79 -31.26
C LEU B 161 8.08 -1.94 -31.73
N THR B 162 9.38 -1.65 -31.89
CA THR B 162 10.40 -2.67 -32.11
C THR B 162 11.13 -2.86 -30.76
N VAL B 163 11.28 -4.12 -30.38
CA VAL B 163 12.00 -4.56 -29.21
C VAL B 163 13.06 -5.60 -29.63
N LYS B 164 14.10 -5.72 -28.82
CA LYS B 164 15.25 -6.59 -29.14
C LYS B 164 14.99 -8.03 -28.76
N ASN B 165 14.37 -8.26 -27.61
CA ASN B 165 14.07 -9.58 -27.14
C ASN B 165 12.68 -9.71 -26.53
N GLU B 166 11.74 -10.10 -27.37
CA GLU B 166 10.33 -10.18 -26.92
C GLU B 166 10.13 -11.25 -25.86
N GLU B 167 11.12 -12.14 -25.66
CA GLU B 167 10.90 -13.20 -24.69
C GLU B 167 11.17 -12.73 -23.30
N LYS B 168 11.91 -11.61 -23.19
CA LYS B 168 12.27 -11.13 -21.86
C LYS B 168 11.84 -9.70 -21.75
N LEU B 169 10.57 -9.51 -21.42
CA LEU B 169 9.95 -8.16 -21.57
C LEU B 169 9.07 -7.94 -20.35
N SER B 170 9.10 -6.74 -19.76
CA SER B 170 8.16 -6.40 -18.67
C SER B 170 7.46 -5.06 -19.00
N PHE B 171 6.33 -4.84 -18.38
CA PHE B 171 5.71 -3.50 -18.46
C PHE B 171 5.37 -2.91 -17.09
N MET B 172 5.28 -1.58 -17.10
CA MET B 172 4.91 -0.78 -15.92
C MET B 172 4.00 0.33 -16.40
N THR B 173 3.32 1.01 -15.48
CA THR B 173 2.55 2.17 -15.92
C THR B 173 2.79 3.38 -14.97
N GLN B 174 2.44 4.52 -15.53
CA GLN B 174 2.28 5.72 -14.75
C GLN B 174 1.08 5.52 -13.78
N THR B 175 1.12 6.24 -12.66
CA THR B 175 0.16 5.99 -11.57
C THR B 175 -1.20 6.70 -11.77
N THR B 176 -1.23 7.72 -12.63
CA THR B 176 -2.40 8.61 -12.69
C THR B 176 -3.05 8.57 -14.05
N LEU B 177 -3.02 7.43 -14.72
CA LEU B 177 -3.68 7.27 -16.03
C LEU B 177 -5.18 6.96 -15.97
N SER B 178 -5.82 7.09 -17.11
CA SER B 178 -7.13 6.53 -17.25
C SER B 178 -7.11 5.01 -17.09
N VAL B 179 -7.95 4.51 -16.19
CA VAL B 179 -7.96 3.06 -15.99
C VAL B 179 -8.45 2.40 -17.31
N ASP B 180 -9.49 2.99 -17.93
CA ASP B 180 -10.08 2.39 -19.17
C ASP B 180 -9.08 2.39 -20.31
N ASP B 181 -8.40 3.51 -20.54
CA ASP B 181 -7.50 3.58 -21.67
C ASP B 181 -6.28 2.71 -21.46
N THR B 182 -5.79 2.63 -20.22
CA THR B 182 -4.62 1.83 -19.93
C THR B 182 -4.97 0.35 -20.17
N SER B 183 -6.20 -0.05 -19.86
CA SER B 183 -6.61 -1.43 -20.08
C SER B 183 -6.46 -1.75 -21.56
N ASP B 184 -6.91 -0.79 -22.41
CA ASP B 184 -6.72 -0.98 -23.89
C ASP B 184 -5.25 -1.19 -24.30
N VAL B 185 -4.37 -0.42 -23.72
CA VAL B 185 -2.94 -0.51 -24.06
C VAL B 185 -2.34 -1.86 -23.60
N ILE B 186 -2.68 -2.31 -22.40
CA ILE B 186 -2.23 -3.61 -21.89
C ILE B 186 -2.79 -4.74 -22.77
N ASP B 187 -4.08 -4.66 -23.18
CA ASP B 187 -4.64 -5.70 -24.05
C ASP B 187 -3.79 -5.78 -25.32
N ALA B 188 -3.37 -4.61 -25.86
CA ALA B 188 -2.56 -4.63 -27.04
C ALA B 188 -1.19 -5.19 -26.76
N LEU B 189 -0.59 -4.83 -25.63
CA LEU B 189 0.74 -5.36 -25.26
C LEU B 189 0.70 -6.89 -25.21
N ARG B 190 -0.36 -7.46 -24.61
CA ARG B 190 -0.36 -8.94 -24.44
C ARG B 190 -0.65 -9.67 -25.75
N LYS B 191 -1.42 -9.06 -26.62
CA LYS B 191 -1.64 -9.65 -27.98
C LYS B 191 -0.33 -9.60 -28.77
N ARG B 192 0.44 -8.51 -28.65
CA ARG B 192 1.66 -8.34 -29.44
C ARG B 192 2.85 -9.11 -28.85
N PHE B 193 2.94 -9.14 -27.51
CA PHE B 193 4.06 -9.74 -26.82
C PHE B 193 3.52 -10.71 -25.78
N PRO B 194 3.18 -11.93 -26.19
CA PRO B 194 2.46 -12.85 -25.29
C PRO B 194 3.24 -13.25 -24.06
N LYS B 195 4.56 -13.11 -24.10
CA LYS B 195 5.35 -13.45 -22.94
C LYS B 195 5.62 -12.28 -22.00
N ILE B 196 5.09 -11.11 -22.33
CA ILE B 196 5.32 -9.94 -21.46
C ILE B 196 4.81 -10.20 -20.05
N VAL B 197 5.59 -9.72 -19.08
CA VAL B 197 5.26 -9.84 -17.65
C VAL B 197 4.90 -8.46 -17.08
N GLY B 198 3.90 -8.45 -16.22
CA GLY B 198 3.57 -7.20 -15.51
C GLY B 198 2.91 -7.52 -14.18
N PRO B 199 2.32 -6.50 -13.53
CA PRO B 199 1.65 -6.71 -12.26
C PRO B 199 0.30 -7.36 -12.59
N ARG B 200 -0.52 -7.66 -11.59
CA ARG B 200 -1.82 -8.34 -11.92
C ARG B 200 -2.69 -7.47 -12.89
N LYS B 201 -2.70 -6.13 -12.71
CA LYS B 201 -3.52 -5.23 -13.57
C LYS B 201 -2.62 -4.13 -14.13
N ASP B 202 -2.27 -3.16 -13.29
CA ASP B 202 -1.44 -2.08 -13.77
C ASP B 202 -0.85 -1.41 -12.53
N ASP B 203 -0.20 -0.26 -12.72
CA ASP B 203 0.40 0.46 -11.59
C ASP B 203 -0.41 1.69 -11.26
N ILE B 204 -1.62 1.81 -11.83
CA ILE B 204 -2.49 2.94 -11.46
C ILE B 204 -2.79 2.80 -9.96
N CYS B 205 -2.67 3.92 -9.22
CA CYS B 205 -2.75 3.79 -7.80
C CYS B 205 -4.22 3.76 -7.33
N TYR B 206 -4.39 3.40 -6.06
CA TYR B 206 -5.77 3.32 -5.52
C TYR B 206 -6.51 4.68 -5.69
N ALA B 207 -5.79 5.78 -5.51
CA ALA B 207 -6.49 7.07 -5.43
C ALA B 207 -7.03 7.42 -6.82
N THR B 208 -6.24 7.10 -7.85
CA THR B 208 -6.66 7.38 -9.26
C THR B 208 -7.83 6.47 -9.64
N THR B 209 -7.72 5.19 -9.35
CA THR B 209 -8.83 4.26 -9.61
C THR B 209 -10.04 4.75 -8.85
N ASN B 210 -9.89 5.06 -7.58
CA ASN B 210 -11.11 5.38 -6.81
C ASN B 210 -11.73 6.75 -7.25
N ARG B 211 -10.90 7.75 -7.59
CA ARG B 211 -11.52 9.02 -8.03
C ARG B 211 -12.22 8.85 -9.38
N GLN B 212 -11.67 8.02 -10.29
CA GLN B 212 -12.38 7.74 -11.54
C GLN B 212 -13.71 7.02 -11.29
N GLU B 213 -13.70 5.99 -10.44
CA GLU B 213 -14.97 5.28 -10.10
C GLU B 213 -16.00 6.29 -9.51
N ALA B 214 -15.51 7.18 -8.65
CA ALA B 214 -16.41 8.17 -8.03
C ALA B 214 -16.92 9.17 -9.06
N VAL B 215 -16.09 9.60 -10.03
CA VAL B 215 -16.61 10.61 -10.97
C VAL B 215 -17.59 9.89 -11.91
N ARG B 216 -17.42 8.57 -12.14
CA ARG B 216 -18.42 7.84 -12.94
C ARG B 216 -19.79 7.83 -12.27
N ALA B 217 -19.79 7.57 -10.97
CA ALA B 217 -21.02 7.62 -10.22
C ALA B 217 -21.61 9.04 -10.24
N LEU B 218 -20.77 10.04 -10.10
CA LEU B 218 -21.19 11.43 -10.04
C LEU B 218 -21.81 11.83 -11.38
N ALA B 219 -21.14 11.47 -12.46
CA ALA B 219 -21.60 11.90 -13.79
C ALA B 219 -22.88 11.17 -14.14
N GLU B 220 -23.17 10.04 -13.51
CA GLU B 220 -24.48 9.38 -13.80
C GLU B 220 -25.61 10.34 -13.39
N GLN B 221 -25.42 11.08 -12.31
CA GLN B 221 -26.47 11.94 -11.75
C GLN B 221 -26.46 13.39 -12.24
N ALA B 222 -25.28 13.91 -12.49
CA ALA B 222 -25.08 15.32 -12.71
C ALA B 222 -25.04 15.67 -14.17
N GLU B 223 -25.59 16.84 -14.52
CA GLU B 223 -25.57 17.39 -15.90
C GLU B 223 -24.25 18.03 -16.24
N VAL B 224 -23.65 18.66 -15.20
CA VAL B 224 -22.42 19.40 -15.38
C VAL B 224 -21.54 18.86 -14.27
N VAL B 225 -20.27 18.60 -14.59
CA VAL B 225 -19.27 18.19 -13.57
C VAL B 225 -18.16 19.21 -13.54
N LEU B 226 -17.88 19.78 -12.36
CA LEU B 226 -16.72 20.64 -12.16
C LEU B 226 -15.65 19.80 -11.51
N VAL B 227 -14.41 19.80 -12.07
CA VAL B 227 -13.27 19.10 -11.41
C VAL B 227 -12.28 20.14 -10.96
N VAL B 228 -12.05 20.24 -9.66
CA VAL B 228 -11.03 21.16 -9.17
C VAL B 228 -9.64 20.53 -9.38
N GLY B 229 -8.79 21.20 -10.15
CA GLY B 229 -7.42 20.74 -10.44
C GLY B 229 -6.74 21.71 -11.38
N SER B 230 -5.43 21.62 -11.53
CA SER B 230 -4.69 22.47 -12.39
C SER B 230 -4.45 21.78 -13.74
N LYS B 231 -4.08 22.62 -14.73
CA LYS B 231 -4.00 22.11 -16.10
C LYS B 231 -2.96 21.03 -16.27
N ASN B 232 -1.93 21.08 -15.46
CA ASN B 232 -0.76 20.16 -15.58
C ASN B 232 -0.93 18.95 -14.67
N SER B 233 -2.13 18.81 -14.07
CA SER B 233 -2.39 17.57 -13.24
C SER B 233 -2.96 16.51 -14.14
N SER B 234 -2.20 15.42 -14.30
CA SER B 234 -2.67 14.30 -15.12
C SER B 234 -3.95 13.73 -14.50
N ASN B 235 -3.92 13.41 -13.22
CA ASN B 235 -5.09 12.68 -12.68
C ASN B 235 -6.33 13.60 -12.76
N SER B 236 -6.17 14.93 -12.58
CA SER B 236 -7.33 15.81 -12.62
C SER B 236 -7.93 15.83 -14.02
N ASN B 237 -7.08 15.92 -15.04
CA ASN B 237 -7.57 15.90 -16.44
C ASN B 237 -8.27 14.57 -16.71
N ARG B 238 -7.83 13.45 -16.11
CA ARG B 238 -8.53 12.18 -16.39
C ARG B 238 -9.93 12.22 -15.86
N LEU B 239 -10.12 12.93 -14.74
CA LEU B 239 -11.48 12.94 -14.17
C LEU B 239 -12.41 13.76 -15.05
N ALA B 240 -11.92 14.90 -15.54
CA ALA B 240 -12.73 15.75 -16.43
C ALA B 240 -13.01 14.96 -17.69
N GLU B 241 -11.99 14.30 -18.28
CA GLU B 241 -12.21 13.57 -19.54
C GLU B 241 -13.21 12.46 -19.36
N LEU B 242 -13.22 11.75 -18.20
CA LEU B 242 -14.15 10.66 -18.04
C LEU B 242 -15.59 11.19 -18.02
N ALA B 243 -15.84 12.28 -17.28
CA ALA B 243 -17.17 12.84 -17.23
C ALA B 243 -17.62 13.29 -18.65
N GLN B 244 -16.72 13.90 -19.40
CA GLN B 244 -17.00 14.33 -20.77
C GLN B 244 -17.32 13.12 -21.67
N ARG B 245 -16.56 12.05 -21.51
CA ARG B 245 -16.83 10.86 -22.35
C ARG B 245 -18.21 10.21 -22.04
N MET B 246 -18.70 10.39 -20.78
CA MET B 246 -20.04 9.95 -20.39
C MET B 246 -21.17 10.81 -20.86
N GLY B 247 -20.78 11.90 -21.51
CA GLY B 247 -21.72 12.86 -22.19
C GLY B 247 -22.17 14.00 -21.33
N LYS B 248 -21.43 14.29 -20.27
CA LYS B 248 -21.82 15.40 -19.44
C LYS B 248 -20.89 16.59 -19.79
N ARG B 249 -21.31 17.80 -19.47
CA ARG B 249 -20.46 18.93 -19.67
C ARG B 249 -19.47 19.02 -18.49
N ALA B 250 -18.18 18.95 -18.78
CA ALA B 250 -17.21 18.92 -17.69
C ALA B 250 -16.19 20.04 -17.84
N PHE B 251 -15.77 20.60 -16.70
CA PHE B 251 -14.84 21.71 -16.70
C PHE B 251 -13.77 21.42 -15.68
N LEU B 252 -12.49 21.57 -16.06
CA LEU B 252 -11.37 21.54 -15.12
C LEU B 252 -11.10 22.97 -14.69
N ILE B 253 -11.20 23.24 -13.40
CA ILE B 253 -11.05 24.60 -12.90
C ILE B 253 -10.07 24.65 -11.76
N ASP B 254 -9.27 25.73 -11.72
CA ASP B 254 -8.43 25.93 -10.54
C ASP B 254 -9.12 26.29 -9.30
N ASP B 255 -10.12 27.16 -9.42
CA ASP B 255 -10.83 27.63 -8.24
C ASP B 255 -12.23 28.17 -8.60
N ALA B 256 -12.97 28.54 -7.58
CA ALA B 256 -14.32 29.01 -7.78
C ALA B 256 -14.41 30.25 -8.71
N LYS B 257 -13.37 31.09 -8.77
CA LYS B 257 -13.38 32.28 -9.66
C LYS B 257 -13.44 31.91 -11.13
N ASP B 258 -12.99 30.69 -11.46
CA ASP B 258 -13.07 30.24 -12.85
C ASP B 258 -14.48 29.94 -13.33
N ILE B 259 -15.43 29.73 -12.43
CA ILE B 259 -16.73 29.28 -12.81
C ILE B 259 -17.51 30.42 -13.52
N GLN B 260 -18.01 30.11 -14.71
CA GLN B 260 -18.80 31.05 -15.52
C GLN B 260 -20.28 30.83 -15.23
N GLU B 261 -21.11 31.88 -15.04
CA GLU B 261 -22.55 31.62 -14.79
C GLU B 261 -23.20 30.83 -15.91
N GLU B 262 -22.78 31.07 -17.17
CA GLU B 262 -23.32 30.35 -18.37
C GLU B 262 -23.31 28.83 -18.13
N TRP B 263 -22.28 28.34 -17.39
CA TRP B 263 -22.03 26.92 -17.31
C TRP B 263 -23.14 26.25 -16.59
N VAL B 264 -23.79 26.97 -15.66
CA VAL B 264 -24.70 26.33 -14.72
C VAL B 264 -26.13 26.90 -14.76
N LYS B 265 -26.35 27.87 -15.66
CA LYS B 265 -27.66 28.50 -15.75
C LYS B 265 -28.67 27.44 -16.17
N GLU B 266 -29.69 27.23 -15.32
CA GLU B 266 -30.81 26.29 -15.62
C GLU B 266 -30.43 24.82 -15.47
N VAL B 267 -29.24 24.59 -14.91
CA VAL B 267 -28.78 23.23 -14.72
C VAL B 267 -29.42 22.78 -13.43
N LYS B 268 -30.01 21.60 -13.41
CA LYS B 268 -30.69 21.16 -12.19
C LYS B 268 -29.83 20.40 -11.19
N CYS B 269 -28.79 19.75 -11.71
CA CYS B 269 -27.89 18.98 -10.88
C CYS B 269 -26.46 19.21 -11.35
N VAL B 270 -25.65 19.73 -10.46
CA VAL B 270 -24.19 19.98 -10.78
C VAL B 270 -23.35 19.18 -9.79
N GLY B 271 -22.35 18.49 -10.32
CA GLY B 271 -21.41 17.73 -9.51
C GLY B 271 -20.04 18.34 -9.44
N VAL B 272 -19.45 18.18 -8.28
CA VAL B 272 -18.09 18.70 -8.03
C VAL B 272 -17.24 17.54 -7.54
N THR B 273 -16.04 17.49 -8.11
CA THR B 273 -15.03 16.59 -7.57
C THR B 273 -13.71 17.35 -7.57
N ALA B 274 -12.63 16.67 -7.15
CA ALA B 274 -11.38 17.34 -7.11
C ALA B 274 -10.32 16.30 -7.38
N GLY B 275 -9.27 16.66 -8.12
CA GLY B 275 -8.13 15.75 -8.33
C GLY B 275 -7.31 15.57 -7.05
N ALA B 276 -6.39 14.62 -7.11
CA ALA B 276 -5.65 14.19 -5.94
C ALA B 276 -4.75 15.26 -5.30
N SER B 277 -4.48 16.31 -6.07
CA SER B 277 -3.61 17.39 -5.67
C SER B 277 -4.37 18.66 -5.23
N ALA B 278 -5.70 18.63 -5.20
CA ALA B 278 -6.44 19.87 -4.92
C ALA B 278 -6.95 19.89 -3.47
N PRO B 279 -6.64 20.96 -2.75
CA PRO B 279 -7.00 21.05 -1.34
C PRO B 279 -8.53 21.22 -1.15
N ASP B 280 -9.05 20.69 -0.05
CA ASP B 280 -10.48 20.74 0.22
C ASP B 280 -11.05 22.15 0.33
N ILE B 281 -10.26 23.11 0.78
CA ILE B 281 -10.85 24.46 0.85
C ILE B 281 -11.27 24.95 -0.52
N LEU B 282 -10.58 24.50 -1.59
CA LEU B 282 -11.01 24.91 -2.94
C LEU B 282 -12.38 24.39 -3.25
N VAL B 283 -12.64 23.15 -2.83
CA VAL B 283 -13.98 22.55 -3.10
C VAL B 283 -15.04 23.32 -2.32
N GLN B 284 -14.70 23.64 -1.06
CA GLN B 284 -15.69 24.37 -0.21
C GLN B 284 -16.01 25.69 -0.83
N ASN B 285 -15.01 26.38 -1.41
CA ASN B 285 -15.26 27.69 -2.04
C ASN B 285 -16.08 27.50 -3.32
N VAL B 286 -15.83 26.41 -4.07
CA VAL B 286 -16.59 26.13 -5.30
C VAL B 286 -18.02 25.93 -4.89
N VAL B 287 -18.27 25.15 -3.83
CA VAL B 287 -19.66 24.93 -3.40
C VAL B 287 -20.30 26.26 -2.96
N ALA B 288 -19.55 27.12 -2.24
CA ALA B 288 -20.08 28.48 -1.92
C ALA B 288 -20.47 29.28 -3.16
N ARG B 289 -19.60 29.29 -4.20
CA ARG B 289 -19.89 30.02 -5.44
C ARG B 289 -21.14 29.40 -6.13
N LEU B 290 -21.25 28.06 -6.14
CA LEU B 290 -22.47 27.41 -6.74
C LEU B 290 -23.74 27.77 -5.92
N GLN B 291 -23.57 28.05 -4.64
CA GLN B 291 -24.75 28.44 -3.79
C GLN B 291 -25.17 29.82 -4.11
N GLN B 292 -24.20 30.66 -4.45
CA GLN B 292 -24.55 32.03 -4.96
C GLN B 292 -25.32 31.97 -6.24
N LEU B 293 -25.03 30.93 -7.03
CA LEU B 293 -25.64 30.78 -8.30
C LEU B 293 -26.91 29.90 -8.17
N GLY B 294 -27.38 29.71 -6.94
CA GLY B 294 -28.68 29.07 -6.73
C GLY B 294 -28.65 27.65 -6.24
N GLY B 295 -27.48 27.11 -5.90
CA GLY B 295 -27.45 25.71 -5.41
C GLY B 295 -27.88 25.57 -3.97
N GLY B 296 -28.31 24.38 -3.60
CA GLY B 296 -28.68 24.07 -2.20
C GLY B 296 -27.52 23.56 -1.38
N GLU B 297 -27.84 22.86 -0.29
CA GLU B 297 -26.84 22.25 0.57
C GLU B 297 -26.10 21.21 -0.26
N ALA B 298 -24.77 21.14 -0.13
CA ALA B 298 -24.05 20.20 -0.98
C ALA B 298 -24.29 18.83 -0.39
N ILE B 299 -24.64 17.86 -1.25
CA ILE B 299 -24.88 16.49 -0.82
C ILE B 299 -23.68 15.59 -1.22
N PRO B 300 -22.98 15.01 -0.23
CA PRO B 300 -21.90 14.08 -0.50
C PRO B 300 -22.46 12.73 -1.00
N LEU B 301 -22.00 12.24 -2.15
CA LEU B 301 -22.32 10.86 -2.51
C LEU B 301 -21.64 9.82 -1.61
N GLU B 302 -22.26 8.65 -1.51
CA GLU B 302 -21.67 7.53 -0.74
C GLU B 302 -20.52 7.02 -1.60
N GLY B 303 -19.39 6.70 -0.97
CA GLY B 303 -18.28 6.24 -1.77
C GLY B 303 -17.41 5.20 -1.11
N ARG B 304 -16.49 4.70 -1.89
CA ARG B 304 -15.57 3.73 -1.38
C ARG B 304 -14.67 4.40 -0.31
N GLU B 305 -14.42 3.68 0.78
CA GLU B 305 -13.64 4.17 1.90
C GLU B 305 -12.18 4.16 1.50
N GLU B 306 -11.48 5.23 1.89
CA GLU B 306 -10.01 5.22 1.79
C GLU B 306 -9.39 5.22 3.18
N ASN B 307 -8.40 4.39 3.45
CA ASN B 307 -7.85 4.39 4.79
C ASN B 307 -6.35 4.46 4.84
N ILE B 308 -5.72 4.64 3.71
CA ILE B 308 -4.25 4.67 3.69
C ILE B 308 -3.66 6.09 4.01
N VAL B 309 -2.60 6.10 4.80
CA VAL B 309 -1.90 7.34 5.13
C VAL B 309 -0.42 7.00 4.92
N PHE B 310 0.36 7.93 4.43
CA PHE B 310 1.82 7.81 4.38
C PHE B 310 2.37 8.92 5.30
N GLU B 311 3.09 8.52 6.32
CA GLU B 311 3.72 9.48 7.25
C GLU B 311 4.91 10.23 6.62
N VAL B 312 5.13 11.47 7.12
CA VAL B 312 6.36 12.18 6.78
C VAL B 312 7.58 11.47 7.41
N PRO B 313 8.78 11.64 6.88
CA PRO B 313 9.98 11.15 7.54
C PRO B 313 10.00 11.63 9.01
N LYS B 314 10.46 10.77 9.92
CA LYS B 314 10.42 11.12 11.38
C LYS B 314 11.21 12.39 11.69
N GLU B 315 12.26 12.65 10.90
CA GLU B 315 13.04 13.94 10.97
C GLU B 315 12.16 15.17 10.77
N LEU B 316 11.06 15.01 10.04
CA LEU B 316 10.19 16.14 9.76
C LEU B 316 8.89 16.12 10.57
N ARG B 317 8.81 15.29 11.64
CA ARG B 317 7.63 15.37 12.52
C ARG B 317 7.53 16.71 13.25
N VAL B 318 6.30 17.19 13.34
CA VAL B 318 5.97 18.43 14.05
C VAL B 318 5.16 18.04 15.32
FE1 SF4 C . 0.48 -6.69 9.20
FE2 SF4 C . -1.23 -6.45 7.15
FE3 SF4 C . -0.60 -8.83 8.08
FE4 SF4 C . 1.20 -7.46 6.79
S1 SF4 C . -0.66 -8.19 5.83
S2 SF4 C . 1.64 -8.59 8.75
S3 SF4 C . 0.65 -5.29 7.40
S4 SF4 C . -1.67 -7.23 9.27
O20 0CG D . 0.19 -15.44 12.10
P17 0CG D . 0.39 -14.18 11.32
O18 0CG D . 1.83 -13.75 11.29
O19 0CG D . -0.29 -14.21 9.95
O16 0CG D . -0.43 -13.06 12.14
P13 0CG D . -0.10 -12.10 13.37
O14 0CG D . -1.41 -11.76 13.99
O15 0CG D . 0.97 -12.60 14.23
O29 0CG D . 0.52 -10.79 12.71
C28 0CG D . 0.08 -10.01 11.57
C27 0CG D . -1.30 -10.20 11.14
C30 0CG D . -2.49 -10.37 10.78
FE1 SF4 E . -1.36 10.27 -4.94
FE2 SF4 E . 0.64 8.48 -4.70
FE3 SF4 E . 0.28 9.81 -6.93
FE4 SF4 E . -1.45 7.99 -6.28
S1 SF4 E . 0.68 7.51 -6.72
S2 SF4 E . -2.02 10.06 -7.10
S3 SF4 E . -1.45 8.18 -3.97
S4 SF4 E . 0.77 10.75 -5.00
O20 0CG F . -1.69 13.71 -11.62
P17 0CG F . -0.28 14.01 -11.72
O18 0CG F . -0.04 15.05 -12.76
O19 0CG F . 0.62 12.79 -11.82
O16 0CG F . 0.17 14.71 -10.29
P13 0CG F . -0.61 15.64 -9.24
O14 0CG F . -1.75 16.43 -9.82
O15 0CG F . 0.47 16.36 -8.50
O29 0CG F . -1.34 14.62 -8.26
C28 0CG F . -0.83 13.38 -7.78
C27 0CG F . 0.60 13.19 -7.63
C30 0CG F . 1.85 13.01 -7.50
#